data_5UBM
#
_entry.id   5UBM
#
_cell.length_a   89.350
_cell.length_b   89.350
_cell.length_c   146.871
_cell.angle_alpha   90.00
_cell.angle_beta   90.00
_cell.angle_gamma   120.00
#
_symmetry.space_group_name_H-M   'P 31 2 1'
#
loop_
_entity.id
_entity.type
_entity.pdbx_description
1 polymer 'Complement C1s subcomponent'
2 polymer 'Complement C1s subcomponent'
3 polymer Gigastasin
4 branched 2-acetamido-2-deoxy-beta-D-glucopyranose-(1-4)-2-acetamido-2-deoxy-beta-D-glucopyranose
5 water water
#
loop_
_entity_poly.entity_id
_entity_poly.type
_entity_poly.pdbx_seq_one_letter_code
_entity_poly.pdbx_strand_id
1 'polypeptide(L)'
;RIIGGSDADIKNFPWQVFFDNPWAGGALINEYWVLTAAHVVEGNREPTMYVGSTSVQTSRLAKSKMLTPEHVFIHPGWKL
LEVPEGRTNFDNDIALVRLKDPVKMGPTVSPICLPGTSSDYNLMDGDLGLISGWGRTEKRDRAVRLKAARLPVAPLRKCK
EVKVEKPTADAEAYVFTPNMICAGGEKGMDSCKGDSGGAFAVQDPNDKTKFYAAGLVSWGPQCGTYGLYTRVKNYVDWIM
KTMQENSTPRED
;
A
2 'polypeptide(L)'
;LRYHGDPMPCPKEDTPNSVWEPAKAKYVFRDVVQITCLDGFEVVEGRVGATSFYSTCQSNGKWSNSKLKCQPVDCGIPES
IENGKVEDPESTLFGSVIRYTCEEPYYYMENGGGGEYHCAGNGSWVNEVLGPELPKCVPVCGVPREPFEEKQ
;
B
3 'polypeptide(L)'
;AHHHHHHTSGDDDDKAKKKLPKCQKQEDCGSWDLKCNNVTKKCECRNQVCGRGCPKERYQRDKYGCRKCLCKGCDGFKCR
LGCTYGFKTDKKGCEAFCTCNTKETACVNIWCTDPYKCNPESGRCEDPNEE(TYS)E(TYS)D(TYS)E
;
I
#
loop_
_chem_comp.id
_chem_comp.type
_chem_comp.name
_chem_comp.formula
NAG D-saccharide, beta linking 2-acetamido-2-deoxy-beta-D-glucopyranose 'C8 H15 N O6'
#
# COMPACT_ATOMS: atom_id res chain seq x y z
N ILE A 2 10.65 15.52 4.68
CA ILE A 2 11.31 15.01 5.88
C ILE A 2 12.51 15.86 6.25
N ILE A 3 12.46 16.45 7.43
CA ILE A 3 13.59 17.24 7.91
C ILE A 3 14.38 16.41 8.91
N GLY A 4 15.71 16.50 8.81
CA GLY A 4 16.60 15.78 9.71
C GLY A 4 16.79 14.32 9.34
N GLY A 5 16.25 13.95 8.18
CA GLY A 5 16.27 12.56 7.75
C GLY A 5 17.49 12.14 6.96
N SER A 6 17.41 10.95 6.37
CA SER A 6 18.50 10.40 5.58
C SER A 6 17.96 9.86 4.27
N ASP A 7 18.85 9.70 3.28
CA ASP A 7 18.48 9.07 2.03
C ASP A 7 17.88 7.70 2.27
N ALA A 8 16.81 7.40 1.55
CA ALA A 8 16.15 6.11 1.64
C ALA A 8 15.89 5.60 0.24
N ASP A 9 16.03 4.28 0.05
CA ASP A 9 15.67 3.68 -1.23
C ASP A 9 14.20 3.33 -1.19
N ILE A 10 13.55 3.32 -2.35
CA ILE A 10 12.13 2.97 -2.42
C ILE A 10 11.94 1.55 -1.91
N LYS A 11 12.98 0.73 -2.01
CA LYS A 11 12.93 -0.62 -1.45
C LYS A 11 12.80 -0.63 0.07
N ASN A 12 13.24 0.43 0.74
CA ASN A 12 13.03 0.56 2.19
C ASN A 12 11.58 0.88 2.52
N PHE A 13 10.88 1.51 1.59
CA PHE A 13 9.48 1.88 1.80
C PHE A 13 8.65 1.59 0.55
N PRO A 14 8.56 0.32 0.15
CA PRO A 14 7.93 -0.05 -1.11
C PRO A 14 6.43 0.22 -1.13
N TRP A 15 5.86 0.64 0.01
CA TRP A 15 4.46 1.02 0.08
C TRP A 15 4.26 2.52 -0.12
N GLN A 16 5.35 3.26 -0.16
CA GLN A 16 5.27 4.70 -0.29
C GLN A 16 4.71 5.09 -1.67
N VAL A 17 3.66 5.89 -1.65
CA VAL A 17 3.07 6.40 -2.89
C VAL A 17 3.40 7.88 -3.01
N PHE A 18 3.75 8.32 -4.21
CA PHE A 18 4.02 9.73 -4.46
C PHE A 18 2.84 10.40 -5.16
N PHE A 19 2.25 11.37 -4.48
CA PHE A 19 1.18 12.19 -5.05
C PHE A 19 1.78 13.47 -5.62
N ASP A 20 1.38 13.83 -6.83
CA ASP A 20 1.88 15.03 -7.45
C ASP A 20 0.73 15.99 -7.69
N ASN A 21 0.99 17.29 -7.53
CA ASN A 21 0.01 18.33 -7.80
C ASN A 21 -1.37 18.11 -7.15
N PRO A 22 -1.46 18.29 -5.81
CA PRO A 22 -0.41 18.72 -4.90
C PRO A 22 0.60 17.63 -4.52
N TRP A 23 1.76 18.08 -4.07
CA TRP A 23 2.90 17.24 -3.73
C TRP A 23 2.64 16.55 -2.39
N ALA A 24 2.57 15.22 -2.39
CA ALA A 24 2.21 14.52 -1.17
C ALA A 24 2.55 13.03 -1.21
N GLY A 25 2.15 12.32 -0.15
CA GLY A 25 2.43 10.90 -0.05
C GLY A 25 1.19 10.10 0.27
N GLY A 26 1.29 8.78 0.11
CA GLY A 26 0.22 7.87 0.47
C GLY A 26 0.86 6.55 0.84
N ALA A 27 0.02 5.58 1.23
CA ALA A 27 0.50 4.25 1.60
C ALA A 27 -0.34 3.19 0.90
N LEU A 28 0.29 2.40 0.05
CA LEU A 28 -0.37 1.27 -0.59
C LEU A 28 -0.71 0.22 0.48
N ILE A 29 -1.97 -0.21 0.56
CA ILE A 29 -2.34 -1.19 1.57
C ILE A 29 -2.86 -2.50 0.98
N ASN A 30 -3.11 -2.51 -0.33
CA ASN A 30 -3.29 -3.74 -1.11
C ASN A 30 -3.36 -3.41 -2.60
N GLU A 31 -3.66 -4.40 -3.43
CA GLU A 31 -3.51 -4.23 -4.87
C GLU A 31 -4.49 -3.22 -5.49
N TYR A 32 -5.58 -2.88 -4.79
CA TYR A 32 -6.54 -1.93 -5.34
C TYR A 32 -6.73 -0.66 -4.51
N TRP A 33 -5.99 -0.53 -3.41
CA TRP A 33 -6.26 0.58 -2.50
C TRP A 33 -5.01 1.30 -2.00
N VAL A 34 -5.10 2.62 -1.96
CA VAL A 34 -4.08 3.46 -1.36
C VAL A 34 -4.68 4.24 -0.19
N LEU A 35 -3.97 4.29 0.92
CA LEU A 35 -4.38 5.08 2.08
C LEU A 35 -3.66 6.42 2.07
N THR A 36 -4.39 7.50 2.37
CA THR A 36 -3.77 8.82 2.50
C THR A 36 -4.59 9.72 3.41
N ALA A 37 -4.17 10.98 3.55
CA ALA A 37 -4.92 11.92 4.39
C ALA A 37 -6.04 12.56 3.60
N ALA A 38 -7.15 12.84 4.28
CA ALA A 38 -8.31 13.46 3.67
C ALA A 38 -7.98 14.79 2.98
N HIS A 39 -7.11 15.60 3.59
CA HIS A 39 -6.86 16.93 3.07
C HIS A 39 -6.00 16.88 1.80
N VAL A 40 -5.43 15.70 1.52
CA VAL A 40 -4.64 15.52 0.32
C VAL A 40 -5.50 15.32 -0.93
N VAL A 41 -6.62 14.63 -0.77
CA VAL A 41 -7.47 14.32 -1.92
C VAL A 41 -8.82 15.05 -1.89
N GLU A 42 -8.97 15.96 -0.93
CA GLU A 42 -10.24 16.67 -0.72
C GLU A 42 -10.74 17.37 -1.98
N GLY A 43 -9.89 18.18 -2.59
CA GLY A 43 -10.21 18.81 -3.86
C GLY A 43 -9.31 18.27 -4.95
N ASN A 44 -8.98 16.98 -4.82
CA ASN A 44 -8.02 16.32 -5.69
C ASN A 44 -8.49 14.87 -5.89
N ARG A 45 -9.73 14.74 -6.36
CA ARG A 45 -10.42 13.46 -6.33
C ARG A 45 -9.88 12.48 -7.37
N GLU A 46 -9.15 13.00 -8.33
CA GLU A 46 -8.50 12.16 -9.33
C GLU A 46 -6.98 12.36 -9.28
N PRO A 47 -6.34 11.92 -8.18
CA PRO A 47 -4.94 12.26 -7.92
C PRO A 47 -3.94 11.54 -8.81
N THR A 48 -2.88 12.26 -9.19
CA THR A 48 -1.73 11.69 -9.88
C THR A 48 -0.82 10.95 -8.90
N MET A 49 -0.63 9.65 -9.13
CA MET A 49 0.10 8.79 -8.18
C MET A 49 1.20 7.97 -8.87
N TYR A 50 2.37 7.90 -8.23
CA TYR A 50 3.46 7.07 -8.73
C TYR A 50 3.95 6.12 -7.65
N VAL A 51 4.44 4.96 -8.07
CA VAL A 51 5.09 4.01 -7.15
C VAL A 51 6.37 3.45 -7.78
N GLY A 52 7.20 2.81 -6.96
CA GLY A 52 8.32 2.03 -7.46
C GLY A 52 9.61 2.76 -7.74
N SER A 53 9.67 4.06 -7.43
CA SER A 53 10.85 4.85 -7.76
C SER A 53 11.40 5.63 -6.56
N THR A 54 12.72 5.59 -6.38
CA THR A 54 13.38 6.34 -5.31
C THR A 54 13.35 7.85 -5.61
N SER A 55 13.47 8.18 -6.89
CA SER A 55 13.52 9.57 -7.32
C SER A 55 12.22 10.04 -7.97
N VAL A 56 11.91 11.32 -7.83
CA VAL A 56 10.73 11.89 -8.45
C VAL A 56 11.07 13.01 -9.43
N GLN A 57 12.31 13.02 -9.89
CA GLN A 57 12.71 13.88 -11.01
C GLN A 57 11.76 13.68 -12.18
N THR A 58 11.27 14.78 -12.75
CA THR A 58 10.32 14.74 -13.87
C THR A 58 10.71 13.73 -14.93
N SER A 59 12.01 13.72 -15.25
CA SER A 59 12.58 12.75 -16.17
C SER A 59 12.28 11.31 -15.76
N ARG A 60 12.42 11.02 -14.47
CA ARG A 60 12.24 9.65 -13.97
C ARG A 60 10.77 9.27 -13.81
N LEU A 61 9.92 10.25 -13.51
CA LEU A 61 8.49 9.99 -13.33
C LEU A 61 7.87 9.39 -14.59
N ALA A 62 8.30 9.88 -15.74
CA ALA A 62 7.75 9.44 -17.02
C ALA A 62 8.06 7.97 -17.31
N LYS A 63 8.97 7.39 -16.52
CA LYS A 63 9.32 5.98 -16.68
C LYS A 63 8.83 5.14 -15.50
N SER A 64 8.08 5.76 -14.60
CA SER A 64 7.64 5.09 -13.38
C SER A 64 6.24 4.52 -13.50
N LYS A 65 5.91 3.60 -12.61
CA LYS A 65 4.56 3.05 -12.56
C LYS A 65 3.64 4.14 -12.05
N MET A 66 2.60 4.43 -12.82
CA MET A 66 1.60 5.40 -12.43
C MET A 66 0.33 4.66 -12.03
N LEU A 67 -0.29 5.06 -10.91
CA LEU A 67 -1.53 4.43 -10.47
C LEU A 67 -2.74 5.20 -10.95
N THR A 68 -3.72 4.49 -11.51
CA THR A 68 -4.93 5.10 -12.01
C THR A 68 -6.05 5.05 -10.99
N PRO A 69 -6.42 6.22 -10.43
CA PRO A 69 -7.47 6.29 -9.41
C PRO A 69 -8.84 6.00 -9.99
N GLU A 70 -9.66 5.25 -9.25
CA GLU A 70 -11.03 5.00 -9.69
C GLU A 70 -12.00 5.83 -8.88
N HIS A 71 -11.76 5.94 -7.58
CA HIS A 71 -12.69 6.64 -6.70
C HIS A 71 -12.00 7.00 -5.40
N VAL A 72 -12.24 8.21 -4.92
CA VAL A 72 -11.70 8.62 -3.64
C VAL A 72 -12.78 8.65 -2.57
N PHE A 73 -12.53 7.95 -1.47
CA PHE A 73 -13.47 7.90 -0.36
C PHE A 73 -12.93 8.71 0.81
N ILE A 74 -13.55 9.86 1.08
CA ILE A 74 -13.21 10.68 2.23
C ILE A 74 -14.00 10.20 3.45
N HIS A 75 -13.34 10.17 4.61
CA HIS A 75 -13.99 9.75 5.84
C HIS A 75 -15.15 10.69 6.19
N PRO A 76 -16.31 10.12 6.58
CA PRO A 76 -17.54 10.87 6.84
C PRO A 76 -17.39 11.97 7.91
N GLY A 77 -16.45 11.80 8.81
CA GLY A 77 -16.22 12.75 9.88
C GLY A 77 -15.28 13.88 9.53
N TRP A 78 -14.71 13.82 8.33
CA TRP A 78 -13.79 14.87 7.89
C TRP A 78 -14.53 16.19 7.65
N LYS A 79 -14.10 17.24 8.35
CA LYS A 79 -14.70 18.55 8.22
C LYS A 79 -16.21 18.51 8.45
N LEU A 80 -16.64 17.67 9.38
CA LEU A 80 -18.06 17.49 9.64
C LEU A 80 -18.62 18.53 10.60
N LEU A 81 -17.88 18.79 11.68
CA LEU A 81 -18.33 19.72 12.72
C LEU A 81 -18.19 21.18 12.27
N ARG A 87 -10.19 28.23 14.75
CA ARG A 87 -11.32 27.31 14.67
C ARG A 87 -11.01 26.07 13.84
N THR A 88 -9.73 25.83 13.58
CA THR A 88 -9.32 24.75 12.67
C THR A 88 -9.38 23.38 13.34
N ASN A 89 -10.05 22.44 12.66
CA ASN A 89 -10.22 21.09 13.18
C ASN A 89 -9.90 20.02 12.13
N PHE A 90 -8.78 19.33 12.29
CA PHE A 90 -8.36 18.34 11.31
C PHE A 90 -8.60 16.91 11.77
N ASP A 91 -9.66 16.70 12.54
CA ASP A 91 -10.03 15.36 12.98
C ASP A 91 -10.46 14.49 11.79
N ASN A 92 -10.23 13.19 11.91
CA ASN A 92 -10.56 12.21 10.88
C ASN A 92 -9.92 12.52 9.54
N ASP A 93 -8.65 12.93 9.60
CA ASP A 93 -7.92 13.27 8.39
C ASP A 93 -7.45 12.00 7.68
N ILE A 94 -8.40 11.29 7.08
CA ILE A 94 -8.06 10.01 6.48
C ILE A 94 -8.94 9.73 5.27
N ALA A 95 -8.36 9.12 4.25
CA ALA A 95 -9.09 8.83 3.02
C ALA A 95 -8.57 7.57 2.33
N LEU A 96 -9.39 7.00 1.47
CA LEU A 96 -9.03 5.81 0.70
C LEU A 96 -9.17 6.09 -0.78
N VAL A 97 -8.15 5.73 -1.55
CA VAL A 97 -8.21 5.80 -3.00
C VAL A 97 -8.36 4.40 -3.57
N ARG A 98 -9.47 4.15 -4.27
CA ARG A 98 -9.60 2.89 -4.98
C ARG A 98 -8.99 3.01 -6.38
N LEU A 99 -8.20 2.02 -6.76
CA LEU A 99 -7.52 2.01 -8.05
C LEU A 99 -8.33 1.28 -9.11
N LYS A 100 -8.15 1.67 -10.37
CA LYS A 100 -8.85 0.99 -11.46
C LYS A 100 -8.23 -0.37 -11.71
N ASP A 101 -6.90 -0.43 -11.68
CA ASP A 101 -6.19 -1.66 -11.97
C ASP A 101 -5.42 -2.17 -10.76
N PRO A 102 -5.28 -3.49 -10.65
CA PRO A 102 -4.51 -4.06 -9.53
C PRO A 102 -3.02 -3.78 -9.67
N VAL A 103 -2.39 -3.33 -8.60
CA VAL A 103 -0.96 -3.09 -8.59
C VAL A 103 -0.19 -4.41 -8.56
N LYS A 104 0.81 -4.54 -9.43
CA LYS A 104 1.66 -5.72 -9.41
C LYS A 104 2.79 -5.51 -8.41
N MET A 105 2.92 -6.44 -7.46
CA MET A 105 3.91 -6.31 -6.41
C MET A 105 5.28 -6.82 -6.83
N GLY A 106 6.33 -6.21 -6.29
CA GLY A 106 7.70 -6.60 -6.58
C GLY A 106 8.69 -5.95 -5.64
N PRO A 107 9.98 -5.99 -5.99
CA PRO A 107 11.04 -5.47 -5.13
C PRO A 107 10.92 -3.98 -4.82
N THR A 108 10.16 -3.23 -5.60
CA THR A 108 10.02 -1.80 -5.32
C THR A 108 8.59 -1.38 -5.01
N VAL A 109 7.66 -2.33 -5.04
CA VAL A 109 6.24 -2.04 -4.84
C VAL A 109 5.56 -3.17 -4.07
N SER A 110 5.11 -2.85 -2.86
CA SER A 110 4.38 -3.83 -2.04
C SER A 110 3.67 -3.09 -0.92
N PRO A 111 2.57 -3.67 -0.42
CA PRO A 111 1.74 -2.92 0.51
C PRO A 111 2.23 -2.97 1.96
N ILE A 112 1.81 -2.00 2.75
CA ILE A 112 2.07 -1.99 4.18
C ILE A 112 0.85 -2.58 4.90
N CYS A 113 1.06 -3.15 6.08
CA CYS A 113 -0.03 -3.75 6.85
C CYS A 113 -0.89 -2.69 7.51
N LEU A 114 -2.13 -3.05 7.84
CA LEU A 114 -2.99 -2.23 8.68
C LEU A 114 -2.82 -2.65 10.13
N PRO A 115 -3.10 -1.74 11.07
CA PRO A 115 -3.09 -2.15 12.48
C PRO A 115 -4.18 -3.17 12.79
N GLY A 116 -3.94 -4.02 13.78
CA GLY A 116 -4.97 -4.93 14.27
C GLY A 116 -5.93 -4.15 15.15
N THR A 117 -6.96 -4.80 15.67
CA THR A 117 -7.94 -4.10 16.48
C THR A 117 -7.69 -4.29 17.97
N SER A 118 -6.75 -5.17 18.33
CA SER A 118 -6.50 -5.45 19.75
C SER A 118 -5.67 -4.35 20.41
N SER A 119 -5.60 -4.39 21.74
CA SER A 119 -4.90 -3.36 22.51
C SER A 119 -3.40 -3.31 22.22
N ASP A 120 -2.88 -4.35 21.59
CA ASP A 120 -1.48 -4.38 21.19
C ASP A 120 -1.15 -3.26 20.20
N TYR A 121 -2.19 -2.72 19.56
CA TYR A 121 -2.00 -1.69 18.55
C TYR A 121 -2.46 -0.32 19.05
N ASN A 122 -2.49 -0.18 20.37
CA ASN A 122 -2.70 1.13 20.99
C ASN A 122 -1.36 1.81 21.23
N LEU A 123 -0.98 2.71 20.34
CA LEU A 123 0.30 3.41 20.46
C LEU A 123 0.39 4.23 21.74
N MET A 124 1.52 4.13 22.42
CA MET A 124 1.80 4.96 23.59
C MET A 124 3.30 5.07 23.81
N ASP A 125 3.69 5.62 24.96
CA ASP A 125 5.09 5.87 25.27
C ASP A 125 5.96 4.61 25.11
N GLY A 126 7.02 4.73 24.32
CA GLY A 126 7.92 3.61 24.08
C GLY A 126 7.86 3.15 22.63
N ASP A 127 6.78 3.47 21.93
CA ASP A 127 6.64 3.06 20.54
C ASP A 127 7.44 3.98 19.61
N LEU A 128 7.88 3.41 18.49
CA LEU A 128 8.71 4.09 17.51
C LEU A 128 8.13 3.90 16.11
N GLY A 129 8.35 4.87 15.23
CA GLY A 129 7.87 4.77 13.87
C GLY A 129 8.84 5.33 12.85
N LEU A 130 8.66 4.91 11.61
CA LEU A 130 9.43 5.48 10.51
C LEU A 130 8.54 6.41 9.69
N ILE A 131 9.07 7.57 9.31
CA ILE A 131 8.39 8.41 8.32
C ILE A 131 9.23 8.54 7.07
N SER A 132 8.57 8.71 5.93
CA SER A 132 9.25 8.72 4.65
C SER A 132 8.51 9.62 3.66
N GLY A 133 9.24 10.28 2.78
CA GLY A 133 8.60 11.12 1.79
C GLY A 133 9.55 12.03 1.04
N TRP A 134 8.99 12.81 0.13
CA TRP A 134 9.76 13.74 -0.69
C TRP A 134 9.45 15.18 -0.33
N GLY A 135 8.97 15.40 0.89
CA GLY A 135 8.64 16.73 1.34
C GLY A 135 9.86 17.55 1.71
N ARG A 136 9.62 18.80 2.13
CA ARG A 136 10.68 19.74 2.49
C ARG A 136 11.74 19.13 3.41
N THR A 137 13.00 19.53 3.19
CA THR A 137 14.11 19.16 4.05
C THR A 137 14.75 20.42 4.63
N GLU A 138 15.98 20.29 5.11
CA GLU A 138 16.74 21.44 5.58
C GLU A 138 17.28 22.24 4.40
N LYS A 139 17.50 21.54 3.29
CA LYS A 139 18.10 22.15 2.11
C LYS A 139 17.05 22.79 1.20
N ARG A 140 16.06 22.01 0.79
CA ARG A 140 15.09 22.46 -0.20
C ARG A 140 13.64 22.27 0.22
N ASP A 141 12.73 22.94 -0.48
CA ASP A 141 11.31 22.84 -0.19
C ASP A 141 10.71 21.53 -0.65
N ARG A 142 11.40 20.85 -1.56
CA ARG A 142 11.00 19.52 -2.02
C ARG A 142 12.23 18.63 -2.17
N ALA A 143 12.08 17.35 -1.90
CA ALA A 143 13.17 16.41 -2.09
C ALA A 143 12.99 15.61 -3.38
N VAL A 144 14.04 15.53 -4.19
CA VAL A 144 14.01 14.76 -5.43
C VAL A 144 14.15 13.25 -5.15
N ARG A 145 15.01 12.90 -4.20
CA ARG A 145 15.19 11.51 -3.81
C ARG A 145 14.53 11.26 -2.47
N LEU A 146 14.03 10.05 -2.27
CA LEU A 146 13.26 9.72 -1.07
C LEU A 146 14.07 9.89 0.21
N LYS A 147 13.45 10.52 1.22
CA LYS A 147 14.05 10.70 2.53
C LYS A 147 13.26 9.95 3.60
N ALA A 148 13.92 9.64 4.71
CA ALA A 148 13.24 8.94 5.78
C ALA A 148 13.88 9.23 7.14
N ALA A 149 13.13 8.93 8.20
CA ALA A 149 13.59 9.21 9.57
C ALA A 149 12.81 8.38 10.58
N ARG A 150 13.46 8.06 11.70
CA ARG A 150 12.81 7.35 12.77
C ARG A 150 12.36 8.31 13.87
N LEU A 151 11.11 8.18 14.29
CA LEU A 151 10.54 9.07 15.29
C LEU A 151 9.96 8.31 16.46
N PRO A 152 10.07 8.88 17.67
CA PRO A 152 9.35 8.33 18.81
C PRO A 152 7.95 8.90 18.93
N VAL A 153 7.01 8.07 19.36
CA VAL A 153 5.72 8.55 19.81
C VAL A 153 5.93 9.48 21.00
N ALA A 154 5.19 10.58 21.07
CA ALA A 154 5.36 11.55 22.14
C ALA A 154 4.02 11.93 22.77
N PRO A 155 4.03 12.28 24.06
CA PRO A 155 2.80 12.74 24.73
C PRO A 155 2.18 13.92 23.98
N LEU A 156 0.86 13.87 23.83
CA LEU A 156 0.12 14.90 23.10
C LEU A 156 0.39 16.29 23.65
N ARG A 157 0.72 16.35 24.93
CA ARG A 157 0.98 17.61 25.61
C ARG A 157 2.10 18.38 24.93
N LYS A 158 3.01 17.67 24.27
CA LYS A 158 4.20 18.31 23.72
C LYS A 158 3.99 18.86 22.32
N CYS A 159 2.90 18.46 21.68
CA CYS A 159 2.57 18.98 20.36
C CYS A 159 1.90 20.35 20.44
N LYS A 160 1.25 20.62 21.56
CA LYS A 160 0.50 21.87 21.70
C LYS A 160 1.20 22.89 22.58
N GLU A 161 2.22 23.54 22.03
CA GLU A 161 2.85 24.70 22.66
C GLU A 161 3.20 25.78 21.64
N VAL A 162 3.85 26.84 22.12
CA VAL A 162 4.30 27.99 21.33
C VAL A 162 3.35 28.38 20.21
N ALA A 173 -7.20 27.22 19.99
CA ALA A 173 -7.09 27.67 18.61
C ALA A 173 -7.11 26.48 17.64
N TYR A 174 -6.56 25.35 18.08
CA TYR A 174 -6.53 24.13 17.27
C TYR A 174 -7.07 22.95 18.06
N VAL A 175 -7.73 22.02 17.38
CA VAL A 175 -8.34 20.88 18.04
C VAL A 175 -7.46 19.63 17.99
N PHE A 176 -7.07 19.15 19.17
CA PHE A 176 -6.27 17.93 19.32
C PHE A 176 -7.15 16.80 19.83
N THR A 177 -7.36 15.77 19.02
CA THR A 177 -8.27 14.69 19.39
C THR A 177 -7.52 13.38 19.67
N PRO A 178 -8.20 12.41 20.28
CA PRO A 178 -7.59 11.08 20.42
C PRO A 178 -7.40 10.35 19.09
N ASN A 179 -7.86 10.93 17.99
CA ASN A 179 -7.61 10.35 16.67
C ASN A 179 -6.31 10.86 16.08
N MET A 180 -5.49 11.49 16.92
CA MET A 180 -4.23 12.06 16.48
C MET A 180 -3.07 11.51 17.30
N ILE A 181 -1.98 11.15 16.62
CA ILE A 181 -0.76 10.77 17.30
C ILE A 181 0.27 11.88 17.22
N CYS A 182 0.85 12.24 18.36
CA CYS A 182 1.97 13.16 18.38
C CYS A 182 3.28 12.39 18.33
N ALA A 183 4.21 12.82 17.49
CA ALA A 183 5.50 12.16 17.40
C ALA A 183 6.62 13.14 17.08
N GLY A 184 7.85 12.77 17.41
CA GLY A 184 9.01 13.57 17.08
C GLY A 184 9.84 13.96 18.28
N GLY A 185 10.42 15.16 18.21
CA GLY A 185 11.13 15.74 19.34
C GLY A 185 12.61 15.41 19.41
N GLU A 186 12.99 14.27 18.84
CA GLU A 186 14.38 13.85 18.93
C GLU A 186 15.19 14.27 17.71
N LYS A 187 16.29 14.96 17.97
CA LYS A 187 17.27 15.34 16.95
C LYS A 187 16.68 16.16 15.81
N GLY A 188 15.61 16.89 16.08
CA GLY A 188 14.99 17.72 15.06
C GLY A 188 14.30 16.99 13.92
N MET A 189 14.25 15.66 13.98
CA MET A 189 13.63 14.87 12.92
C MET A 189 12.12 15.04 12.96
N ASP A 190 11.54 15.22 11.78
CA ASP A 190 10.13 15.56 11.65
C ASP A 190 9.70 15.46 10.19
N SER A 191 8.40 15.41 9.95
CA SER A 191 7.87 15.50 8.59
C SER A 191 7.49 16.95 8.27
N CYS A 192 7.57 17.33 7.00
CA CYS A 192 7.25 18.70 6.60
C CYS A 192 6.29 18.73 5.42
N LYS A 193 5.98 19.91 4.92
CA LYS A 193 5.06 20.03 3.79
C LYS A 193 5.59 19.27 2.57
N GLY A 194 4.71 18.47 1.97
CA GLY A 194 5.11 17.57 0.91
C GLY A 194 5.12 16.13 1.39
N ASP A 195 4.98 15.92 2.70
CA ASP A 195 5.00 14.57 3.28
C ASP A 195 3.61 14.06 3.67
N SER A 196 2.61 14.94 3.63
CA SER A 196 1.24 14.56 4.02
C SER A 196 0.75 13.26 3.39
N GLY A 197 0.03 12.46 4.17
CA GLY A 197 -0.57 11.24 3.67
C GLY A 197 0.35 10.05 3.79
N GLY A 198 1.63 10.32 4.03
CA GLY A 198 2.62 9.26 4.16
C GLY A 198 2.42 8.46 5.45
N ALA A 199 2.81 7.20 5.43
CA ALA A 199 2.58 6.33 6.58
C ALA A 199 3.64 6.47 7.65
N PHE A 200 3.18 6.50 8.89
CA PHE A 200 4.00 6.34 10.09
C PHE A 200 4.14 4.83 10.33
N ALA A 201 5.16 4.22 9.73
CA ALA A 201 5.31 2.78 9.75
C ALA A 201 5.88 2.28 11.07
N VAL A 202 5.12 1.45 11.75
CA VAL A 202 5.51 0.93 13.06
C VAL A 202 5.68 -0.59 13.01
N GLN A 203 6.70 -1.09 13.68
CA GLN A 203 6.92 -2.53 13.78
C GLN A 203 5.70 -3.21 14.38
N ASP A 204 5.27 -4.30 13.76
CA ASP A 204 4.16 -5.08 14.29
C ASP A 204 4.63 -5.89 15.49
N PRO A 205 4.02 -5.65 16.66
CA PRO A 205 4.45 -6.30 17.89
C PRO A 205 4.27 -7.83 17.88
N ASN A 206 3.40 -8.32 17.00
CA ASN A 206 3.12 -9.75 16.92
C ASN A 206 3.87 -10.46 15.81
N ASP A 207 4.38 -9.67 14.87
CA ASP A 207 5.16 -10.18 13.76
C ASP A 207 6.23 -9.15 13.42
N LYS A 208 7.38 -9.28 14.09
CA LYS A 208 8.35 -8.19 14.10
C LYS A 208 9.13 -8.01 12.80
N THR A 209 8.89 -8.88 11.82
CA THR A 209 9.45 -8.69 10.50
C THR A 209 8.59 -7.75 9.64
N LYS A 210 7.39 -7.42 10.13
CA LYS A 210 6.45 -6.61 9.36
C LYS A 210 6.27 -5.19 9.91
N PHE A 211 6.01 -4.25 9.02
CA PHE A 211 5.61 -2.91 9.42
C PHE A 211 4.13 -2.71 9.14
N TYR A 212 3.49 -1.86 9.93
CA TYR A 212 2.12 -1.49 9.64
C TYR A 212 1.96 0.01 9.73
N ALA A 213 0.90 0.52 9.11
CA ALA A 213 0.63 1.95 9.11
C ALA A 213 -0.14 2.34 10.36
N ALA A 214 0.57 2.87 11.34
CA ALA A 214 -0.06 3.31 12.59
C ALA A 214 -0.55 4.74 12.47
N GLY A 215 0.10 5.51 11.60
CA GLY A 215 -0.25 6.91 11.44
C GLY A 215 -0.11 7.42 10.02
N LEU A 216 -0.78 8.54 9.74
CA LEU A 216 -0.61 9.23 8.48
C LEU A 216 -0.20 10.67 8.75
N VAL A 217 0.87 11.13 8.10
CA VAL A 217 1.28 12.52 8.21
C VAL A 217 0.11 13.43 7.90
N SER A 218 -0.23 14.29 8.86
CA SER A 218 -1.43 15.11 8.78
C SER A 218 -1.13 16.61 8.87
N TRP A 219 -0.69 17.05 10.04
CA TRP A 219 -0.45 18.47 10.28
C TRP A 219 0.40 18.69 11.52
N GLY A 220 0.69 19.94 11.82
CA GLY A 220 1.44 20.27 13.02
C GLY A 220 2.02 21.66 12.94
N PRO A 221 2.83 22.03 13.95
CA PRO A 221 3.54 23.31 13.93
C PRO A 221 4.57 23.33 12.81
N GLN A 222 5.22 24.46 12.59
CA GLN A 222 6.30 24.53 11.62
C GLN A 222 7.30 23.41 11.92
N CYS A 223 7.57 22.59 10.91
CA CYS A 223 8.28 21.34 11.11
C CYS A 223 9.68 21.52 11.70
N GLY A 224 10.17 20.46 12.34
CA GLY A 224 11.47 20.48 12.97
C GLY A 224 11.43 20.05 14.42
N THR A 225 10.22 19.88 14.95
CA THR A 225 10.03 19.47 16.34
C THR A 225 9.05 18.33 16.45
N TYR A 226 7.76 18.65 16.54
CA TYR A 226 6.73 17.65 16.66
C TYR A 226 5.70 17.75 15.54
N GLY A 227 4.87 16.73 15.40
CA GLY A 227 3.82 16.72 14.39
C GLY A 227 2.69 15.80 14.78
N LEU A 228 1.55 15.97 14.14
CA LEU A 228 0.40 15.12 14.42
C LEU A 228 0.06 14.19 13.28
N TYR A 229 -0.27 12.95 13.64
CA TYR A 229 -0.51 11.92 12.65
C TYR A 229 -1.89 11.31 12.88
N THR A 230 -2.60 11.03 11.80
CA THR A 230 -3.90 10.38 11.92
C THR A 230 -3.72 8.99 12.52
N ARG A 231 -4.33 8.76 13.67
CA ARG A 231 -4.22 7.47 14.34
C ARG A 231 -5.04 6.42 13.61
N VAL A 232 -4.36 5.63 12.76
CA VAL A 232 -5.03 4.71 11.84
C VAL A 232 -5.83 3.63 12.57
N LYS A 233 -5.37 3.22 13.74
CA LYS A 233 -6.03 2.17 14.51
C LYS A 233 -7.52 2.43 14.75
N ASN A 234 -7.90 3.70 14.87
CA ASN A 234 -9.30 4.05 15.12
C ASN A 234 -10.16 4.05 13.84
N TYR A 235 -9.54 3.75 12.70
CA TYR A 235 -10.27 3.78 11.43
C TYR A 235 -10.26 2.43 10.72
N VAL A 236 -9.64 1.43 11.35
CA VAL A 236 -9.51 0.11 10.75
C VAL A 236 -10.86 -0.46 10.34
N ASP A 237 -11.86 -0.34 11.22
CA ASP A 237 -13.20 -0.82 10.89
C ASP A 237 -13.77 -0.09 9.66
N TRP A 238 -13.64 1.23 9.64
CA TRP A 238 -14.11 2.00 8.48
C TRP A 238 -13.33 1.63 7.21
N ILE A 239 -12.03 1.41 7.34
CA ILE A 239 -11.20 1.03 6.20
C ILE A 239 -11.61 -0.33 5.66
N MET A 240 -11.83 -1.28 6.57
CA MET A 240 -12.27 -2.62 6.19
C MET A 240 -13.64 -2.59 5.54
N LYS A 241 -14.55 -1.84 6.14
CA LYS A 241 -15.92 -1.75 5.65
C LYS A 241 -15.95 -1.14 4.26
N THR A 242 -15.14 -0.10 4.04
CA THR A 242 -15.13 0.58 2.75
C THR A 242 -14.55 -0.32 1.66
N MET A 243 -13.50 -1.06 1.98
CA MET A 243 -12.91 -1.95 1.00
C MET A 243 -13.86 -3.09 0.63
N GLN A 244 -14.50 -3.66 1.62
CA GLN A 244 -15.44 -4.75 1.39
C GLN A 244 -16.65 -4.26 0.58
N GLU A 245 -17.15 -3.08 0.95
CA GLU A 245 -18.35 -2.52 0.34
C GLU A 245 -18.12 -2.07 -1.09
N ASN A 246 -16.86 -1.87 -1.45
CA ASN A 246 -16.49 -1.47 -2.79
C ASN A 246 -15.55 -2.49 -3.39
N SER A 247 -16.04 -3.74 -3.44
CA SER A 247 -15.25 -4.89 -3.85
C SER A 247 -14.85 -4.84 -5.33
N THR A 248 -14.19 -5.90 -5.78
CA THR A 248 -13.64 -5.93 -7.14
C THR A 248 -14.23 -7.05 -7.99
N PRO A 249 -15.45 -6.85 -8.50
CA PRO A 249 -16.06 -7.87 -9.35
C PRO A 249 -15.89 -7.54 -10.84
N HIS B 4 -38.25 -72.14 -30.43
CA HIS B 4 -37.90 -73.39 -31.09
C HIS B 4 -36.74 -74.08 -30.37
N GLY B 5 -35.61 -73.39 -30.29
CA GLY B 5 -34.41 -73.95 -29.69
C GLY B 5 -33.96 -73.23 -28.44
N ASP B 6 -32.78 -72.63 -28.51
CA ASP B 6 -32.18 -72.00 -27.34
C ASP B 6 -31.79 -70.55 -27.62
N PRO B 7 -32.07 -69.67 -26.65
CA PRO B 7 -31.69 -68.25 -26.73
C PRO B 7 -30.18 -68.07 -26.72
N MET B 8 -29.63 -67.46 -27.76
CA MET B 8 -28.17 -67.38 -27.93
C MET B 8 -27.53 -66.59 -26.79
N PRO B 9 -26.49 -67.17 -26.16
CA PRO B 9 -25.80 -66.60 -25.00
C PRO B 9 -24.72 -65.57 -25.36
N CYS B 10 -24.63 -64.50 -24.56
CA CYS B 10 -23.59 -63.51 -24.72
C CYS B 10 -22.48 -63.72 -23.69
N PRO B 11 -21.23 -63.65 -24.14
CA PRO B 11 -20.08 -63.92 -23.26
C PRO B 11 -19.81 -62.81 -22.27
N LYS B 12 -19.20 -63.15 -21.13
CA LYS B 12 -18.77 -62.15 -20.18
C LYS B 12 -17.59 -61.37 -20.75
N GLU B 13 -17.16 -60.35 -20.02
CA GLU B 13 -16.11 -59.47 -20.50
C GLU B 13 -14.89 -59.49 -19.58
N ASP B 14 -13.79 -58.96 -20.10
CA ASP B 14 -12.70 -58.50 -19.26
C ASP B 14 -13.13 -57.16 -18.70
N THR B 15 -13.47 -57.10 -17.41
CA THR B 15 -13.97 -55.87 -16.83
C THR B 15 -13.13 -55.36 -15.67
N PRO B 16 -11.87 -54.94 -15.95
CA PRO B 16 -11.01 -54.47 -14.87
C PRO B 16 -11.37 -53.06 -14.43
N ASN B 17 -12.18 -52.36 -15.23
CA ASN B 17 -12.55 -50.99 -14.94
C ASN B 17 -14.01 -50.83 -14.56
N SER B 18 -14.73 -51.94 -14.46
CA SER B 18 -16.15 -51.89 -14.17
C SER B 18 -16.66 -53.10 -13.40
N VAL B 19 -17.92 -53.05 -13.02
CA VAL B 19 -18.58 -54.16 -12.36
C VAL B 19 -19.94 -54.40 -13.00
N TRP B 20 -20.15 -55.62 -13.50
CA TRP B 20 -21.42 -55.96 -14.13
C TRP B 20 -22.43 -56.44 -13.10
N GLU B 21 -23.63 -55.88 -13.14
CA GLU B 21 -24.73 -56.34 -12.30
C GLU B 21 -25.97 -56.54 -13.17
N PRO B 22 -26.67 -57.67 -13.00
CA PRO B 22 -26.34 -58.75 -12.06
C PRO B 22 -25.16 -59.58 -12.54
N ALA B 23 -24.50 -60.26 -11.61
CA ALA B 23 -23.36 -61.10 -11.94
C ALA B 23 -23.82 -62.54 -12.15
N LYS B 24 -23.96 -62.93 -13.42
CA LYS B 24 -24.42 -64.27 -13.75
C LYS B 24 -23.30 -65.07 -14.40
N ALA B 25 -23.38 -66.40 -14.28
CA ALA B 25 -22.42 -67.27 -14.95
C ALA B 25 -22.71 -67.34 -16.45
N LYS B 26 -23.99 -67.27 -16.79
CA LYS B 26 -24.45 -67.40 -18.16
C LYS B 26 -25.45 -66.29 -18.49
N TYR B 27 -25.11 -65.43 -19.44
CA TYR B 27 -26.05 -64.41 -19.91
C TYR B 27 -26.72 -64.89 -21.19
N VAL B 28 -27.93 -64.41 -21.43
CA VAL B 28 -28.76 -64.98 -22.46
C VAL B 28 -29.55 -63.88 -23.19
N PHE B 29 -30.00 -64.17 -24.41
CA PHE B 29 -30.79 -63.24 -25.22
C PHE B 29 -31.77 -62.39 -24.40
N ARG B 30 -31.64 -61.07 -24.55
CA ARG B 30 -32.45 -60.03 -23.88
C ARG B 30 -32.07 -59.77 -22.42
N ASP B 31 -31.09 -60.47 -21.88
CA ASP B 31 -30.59 -60.11 -20.55
C ASP B 31 -30.01 -58.71 -20.58
N VAL B 32 -30.21 -57.97 -19.49
CA VAL B 32 -29.64 -56.65 -19.36
C VAL B 32 -28.70 -56.59 -18.18
N VAL B 33 -27.48 -56.10 -18.41
CA VAL B 33 -26.58 -55.80 -17.31
C VAL B 33 -26.50 -54.32 -17.07
N GLN B 34 -26.30 -53.95 -15.81
CA GLN B 34 -25.92 -52.61 -15.45
C GLN B 34 -24.42 -52.60 -15.28
N ILE B 35 -23.73 -51.85 -16.13
CA ILE B 35 -22.27 -51.79 -16.07
C ILE B 35 -21.81 -50.53 -15.32
N THR B 36 -21.22 -50.72 -14.14
CA THR B 36 -20.84 -49.61 -13.29
C THR B 36 -19.33 -49.40 -13.23
N CYS B 37 -18.88 -48.24 -13.69
CA CYS B 37 -17.46 -47.90 -13.63
C CYS B 37 -16.98 -47.86 -12.18
N LEU B 38 -15.72 -48.22 -11.96
CA LEU B 38 -15.12 -48.07 -10.65
C LEU B 38 -14.77 -46.61 -10.43
N ASP B 39 -14.51 -46.23 -9.18
CA ASP B 39 -14.18 -44.84 -8.88
C ASP B 39 -12.98 -44.39 -9.70
N GLY B 40 -13.13 -43.24 -10.36
CA GLY B 40 -12.07 -42.69 -11.17
C GLY B 40 -12.25 -42.99 -12.65
N PHE B 41 -13.24 -43.83 -12.95
CA PHE B 41 -13.52 -44.19 -14.32
C PHE B 41 -14.92 -43.73 -14.70
N GLU B 42 -15.12 -43.45 -15.98
CA GLU B 42 -16.40 -42.99 -16.47
C GLU B 42 -16.62 -43.46 -17.89
N VAL B 43 -17.86 -43.36 -18.35
CA VAL B 43 -18.18 -43.64 -19.75
C VAL B 43 -18.56 -42.32 -20.41
N VAL B 44 -18.11 -42.10 -21.65
CA VAL B 44 -18.39 -40.85 -22.34
C VAL B 44 -19.27 -41.04 -23.58
N GLU B 45 -20.41 -40.36 -23.61
CA GLU B 45 -21.33 -40.45 -24.72
C GLU B 45 -21.67 -39.06 -25.27
N VAL B 48 -19.55 -34.94 -21.39
CA VAL B 48 -20.67 -35.78 -21.76
C VAL B 48 -20.51 -37.20 -21.19
N GLY B 49 -20.25 -37.29 -19.88
CA GLY B 49 -19.89 -38.56 -19.28
C GLY B 49 -20.70 -39.02 -18.08
N ALA B 50 -20.81 -40.35 -17.92
CA ALA B 50 -21.56 -40.96 -16.84
C ALA B 50 -20.75 -42.05 -16.13
N THR B 51 -21.29 -42.60 -15.05
CA THR B 51 -20.58 -43.62 -14.29
C THR B 51 -21.20 -45.02 -14.44
N SER B 52 -22.30 -45.10 -15.17
CA SER B 52 -22.87 -46.41 -15.48
C SER B 52 -23.65 -46.38 -16.78
N PHE B 53 -23.83 -47.54 -17.38
CA PHE B 53 -24.67 -47.66 -18.56
C PHE B 53 -25.25 -49.06 -18.61
N TYR B 54 -26.27 -49.24 -19.45
CA TYR B 54 -26.89 -50.55 -19.62
C TYR B 54 -26.43 -51.23 -20.89
N SER B 55 -26.36 -52.55 -20.84
CA SER B 55 -26.02 -53.31 -22.03
C SER B 55 -26.94 -54.54 -22.15
N THR B 56 -27.48 -54.73 -23.34
CA THR B 56 -28.43 -55.80 -23.60
C THR B 56 -27.79 -56.92 -24.44
N CYS B 57 -28.05 -58.16 -24.06
CA CYS B 57 -27.60 -59.30 -24.84
C CYS B 57 -28.48 -59.45 -26.06
N GLN B 58 -27.92 -59.15 -27.23
CA GLN B 58 -28.67 -59.12 -28.48
C GLN B 58 -28.78 -60.48 -29.14
N SER B 59 -29.60 -60.58 -30.18
CA SER B 59 -29.89 -61.86 -30.82
C SER B 59 -28.69 -62.42 -31.60
N ASN B 60 -27.66 -61.61 -31.79
CA ASN B 60 -26.47 -62.06 -32.50
C ASN B 60 -25.39 -62.50 -31.51
N GLY B 61 -25.76 -62.60 -30.24
CA GLY B 61 -24.84 -63.04 -29.22
C GLY B 61 -23.81 -61.99 -28.84
N LYS B 62 -24.04 -60.75 -29.25
CA LYS B 62 -23.16 -59.64 -28.88
C LYS B 62 -23.87 -58.66 -27.98
N TRP B 63 -23.11 -58.01 -27.11
CA TRP B 63 -23.67 -57.01 -26.22
C TRP B 63 -23.91 -55.68 -26.93
N SER B 64 -25.03 -55.05 -26.65
CA SER B 64 -25.31 -53.72 -27.18
C SER B 64 -24.42 -52.71 -26.46
N ASN B 65 -24.42 -51.48 -26.95
CA ASN B 65 -23.56 -50.44 -26.40
C ASN B 65 -22.12 -50.92 -26.30
N SER B 66 -21.70 -51.70 -27.29
CA SER B 66 -20.33 -52.15 -27.38
C SER B 66 -19.42 -50.93 -27.57
N LYS B 67 -20.01 -49.77 -27.85
CA LYS B 67 -19.23 -48.54 -28.07
C LYS B 67 -18.97 -47.76 -26.77
N LEU B 68 -19.52 -48.25 -25.66
CA LEU B 68 -19.33 -47.59 -24.38
C LEU B 68 -18.34 -48.36 -23.50
N LYS B 69 -17.23 -47.72 -23.15
CA LYS B 69 -16.23 -48.27 -22.23
C LYS B 69 -16.06 -47.41 -20.99
N CYS B 70 -15.57 -48.03 -19.92
CA CYS B 70 -15.19 -47.27 -18.74
C CYS B 70 -13.72 -46.84 -18.83
N GLN B 71 -13.51 -45.54 -18.98
CA GLN B 71 -12.18 -44.98 -19.15
C GLN B 71 -11.86 -44.02 -18.01
N PRO B 72 -10.56 -43.84 -17.71
CA PRO B 72 -10.12 -42.92 -16.66
C PRO B 72 -10.77 -41.54 -16.75
N VAL B 73 -11.10 -40.99 -15.59
CA VAL B 73 -11.70 -39.67 -15.50
C VAL B 73 -10.66 -38.57 -15.78
N ASP B 74 -11.06 -37.55 -16.53
CA ASP B 74 -10.14 -36.49 -16.91
C ASP B 74 -10.54 -35.14 -16.29
N CYS B 75 -9.74 -34.68 -15.34
CA CYS B 75 -10.02 -33.41 -14.66
C CYS B 75 -9.73 -32.21 -15.56
N GLY B 76 -9.05 -32.46 -16.67
CA GLY B 76 -8.72 -31.40 -17.61
C GLY B 76 -7.57 -30.52 -17.17
N ILE B 77 -7.13 -29.65 -18.07
CA ILE B 77 -6.05 -28.71 -17.80
C ILE B 77 -6.36 -27.86 -16.58
N PRO B 78 -5.46 -27.86 -15.57
CA PRO B 78 -5.64 -27.07 -14.35
C PRO B 78 -5.91 -25.60 -14.66
N GLU B 79 -6.83 -24.97 -13.95
CA GLU B 79 -7.07 -23.55 -14.19
C GLU B 79 -6.07 -22.70 -13.43
N SER B 80 -5.59 -21.66 -14.08
CA SER B 80 -4.58 -20.78 -13.51
C SER B 80 -5.20 -19.85 -12.48
N ILE B 81 -4.38 -19.43 -11.51
CA ILE B 81 -4.83 -18.48 -10.50
C ILE B 81 -4.06 -17.16 -10.60
N GLU B 82 -4.63 -16.10 -10.05
CA GLU B 82 -3.94 -14.82 -10.02
C GLU B 82 -2.72 -14.87 -9.10
N ASN B 83 -1.60 -14.34 -9.58
CA ASN B 83 -0.38 -14.19 -8.79
C ASN B 83 0.26 -15.53 -8.43
N GLY B 84 -0.06 -16.56 -9.20
CA GLY B 84 0.45 -17.89 -8.94
C GLY B 84 0.77 -18.69 -10.18
N LYS B 85 1.38 -19.85 -9.99
CA LYS B 85 1.80 -20.69 -11.11
C LYS B 85 1.43 -22.14 -10.83
N VAL B 86 1.08 -22.85 -11.89
CA VAL B 86 0.93 -24.30 -11.80
C VAL B 86 1.61 -24.94 -13.01
N GLU B 87 2.56 -25.84 -12.74
CA GLU B 87 3.29 -26.46 -13.82
C GLU B 87 2.44 -27.55 -14.50
N ASP B 88 2.47 -27.53 -15.82
CA ASP B 88 1.64 -28.41 -16.64
C ASP B 88 2.02 -29.87 -16.47
N PRO B 89 1.07 -30.69 -16.00
CA PRO B 89 1.28 -32.12 -15.73
C PRO B 89 1.30 -32.98 -16.99
N GLU B 90 2.01 -34.10 -16.93
CA GLU B 90 2.12 -34.97 -18.10
C GLU B 90 0.75 -35.52 -18.48
N SER B 91 -0.08 -35.81 -17.47
CA SER B 91 -1.45 -36.23 -17.71
C SER B 91 -2.41 -35.55 -16.74
N THR B 92 -3.66 -35.40 -17.16
CA THR B 92 -4.70 -34.82 -16.31
C THR B 92 -5.75 -35.86 -15.99
N LEU B 93 -5.35 -37.13 -16.06
CA LEU B 93 -6.27 -38.24 -15.80
C LEU B 93 -6.41 -38.48 -14.30
N PHE B 94 -7.36 -39.33 -13.93
CA PHE B 94 -7.60 -39.71 -12.54
C PHE B 94 -6.32 -40.14 -11.83
N GLY B 95 -6.05 -39.51 -10.69
CA GLY B 95 -4.88 -39.85 -9.91
C GLY B 95 -3.66 -38.98 -10.19
N SER B 96 -3.77 -38.12 -11.19
CA SER B 96 -2.69 -37.20 -11.52
C SER B 96 -2.57 -36.09 -10.45
N VAL B 97 -1.34 -35.62 -10.23
CA VAL B 97 -1.08 -34.63 -9.18
C VAL B 97 -0.46 -33.35 -9.74
N ILE B 98 -1.03 -32.21 -9.36
CA ILE B 98 -0.46 -30.91 -9.72
C ILE B 98 -0.08 -30.11 -8.48
N ARG B 99 0.80 -29.12 -8.65
CA ARG B 99 1.20 -28.25 -7.56
C ARG B 99 1.08 -26.78 -7.93
N TYR B 100 0.33 -26.03 -7.13
CA TYR B 100 0.27 -24.59 -7.25
C TYR B 100 1.31 -23.95 -6.34
N THR B 101 1.96 -22.90 -6.82
CA THR B 101 2.84 -22.12 -5.97
C THR B 101 2.62 -20.64 -6.25
N CYS B 102 2.61 -19.83 -5.20
CA CYS B 102 2.41 -18.40 -5.35
C CYS B 102 3.68 -17.73 -5.85
N GLU B 103 3.57 -16.51 -6.37
CA GLU B 103 4.75 -15.75 -6.75
C GLU B 103 5.46 -15.21 -5.51
N GLU B 104 6.33 -16.03 -4.95
CA GLU B 104 7.10 -15.64 -3.78
C GLU B 104 8.35 -14.86 -4.21
N PRO B 105 8.82 -13.93 -3.36
CA PRO B 105 8.33 -13.66 -2.01
C PRO B 105 7.28 -12.55 -1.91
N TYR B 106 6.69 -12.13 -3.02
CA TYR B 106 5.79 -10.98 -2.98
C TYR B 106 4.35 -11.39 -2.78
N TYR B 107 4.06 -12.68 -2.94
CA TYR B 107 2.73 -13.20 -2.66
C TYR B 107 2.81 -14.46 -1.83
N TYR B 108 1.73 -14.78 -1.15
CA TYR B 108 1.68 -16.00 -0.37
C TYR B 108 0.28 -16.61 -0.44
N MET B 109 0.17 -17.88 -0.08
CA MET B 109 -1.08 -18.61 -0.16
C MET B 109 -1.94 -18.31 1.06
N GLU B 110 -2.98 -17.53 0.86
CA GLU B 110 -3.82 -17.03 1.96
C GLU B 110 -4.62 -18.13 2.65
N ASN B 111 -5.23 -19.01 1.86
CA ASN B 111 -6.08 -20.06 2.40
C ASN B 111 -5.33 -21.36 2.69
N GLY B 112 -4.00 -21.29 2.62
CA GLY B 112 -3.16 -22.45 2.92
C GLY B 112 -3.40 -23.63 2.01
N GLY B 113 -3.34 -24.83 2.58
CA GLY B 113 -3.59 -26.05 1.84
C GLY B 113 -2.35 -26.70 1.27
N GLY B 114 -1.32 -25.90 1.02
CA GLY B 114 -0.06 -26.42 0.51
C GLY B 114 0.07 -26.36 -1.00
N GLY B 115 -1.03 -26.05 -1.69
CA GLY B 115 -1.02 -25.91 -3.13
C GLY B 115 -1.03 -27.21 -3.92
N GLU B 116 -1.16 -28.35 -3.24
CA GLU B 116 -1.12 -29.62 -3.95
C GLU B 116 -2.51 -30.21 -4.21
N TYR B 117 -2.78 -30.49 -5.48
CA TYR B 117 -4.08 -30.98 -5.90
C TYR B 117 -3.94 -32.27 -6.71
N HIS B 118 -4.92 -33.17 -6.54
CA HIS B 118 -4.94 -34.40 -7.33
C HIS B 118 -6.28 -34.55 -8.04
N CYS B 119 -6.30 -35.39 -9.07
CA CYS B 119 -7.52 -35.62 -9.86
C CYS B 119 -8.40 -36.67 -9.19
N ALA B 120 -9.50 -36.21 -8.59
CA ALA B 120 -10.38 -37.09 -7.82
C ALA B 120 -11.32 -37.90 -8.70
N GLY B 121 -11.99 -38.87 -8.08
CA GLY B 121 -12.91 -39.73 -8.79
C GLY B 121 -14.06 -38.98 -9.43
N ASN B 122 -14.45 -37.86 -8.84
CA ASN B 122 -15.60 -37.11 -9.36
C ASN B 122 -15.23 -36.10 -10.45
N GLY B 123 -13.95 -36.02 -10.77
CA GLY B 123 -13.50 -35.22 -11.90
C GLY B 123 -12.96 -33.84 -11.58
N SER B 124 -12.88 -33.51 -10.29
CA SER B 124 -12.33 -32.23 -9.91
C SER B 124 -10.90 -32.34 -9.38
N TRP B 125 -10.11 -31.31 -9.62
CA TRP B 125 -8.84 -31.17 -8.93
C TRP B 125 -9.12 -30.84 -7.47
N VAL B 126 -8.73 -31.72 -6.56
CA VAL B 126 -9.01 -31.47 -5.14
C VAL B 126 -7.77 -31.48 -4.25
N ASN B 127 -7.84 -30.69 -3.20
CA ASN B 127 -6.81 -30.60 -2.18
C ASN B 127 -7.38 -31.09 -0.86
N GLU B 128 -6.56 -31.76 -0.06
CA GLU B 128 -7.04 -32.40 1.17
C GLU B 128 -7.70 -31.41 2.12
N VAL B 129 -7.19 -30.19 2.17
CA VAL B 129 -7.72 -29.16 3.06
C VAL B 129 -8.85 -28.36 2.40
N LEU B 130 -8.56 -27.82 1.22
CA LEU B 130 -9.48 -26.89 0.56
C LEU B 130 -10.52 -27.55 -0.34
N GLY B 131 -10.46 -28.88 -0.48
CA GLY B 131 -11.32 -29.55 -1.43
C GLY B 131 -11.01 -29.06 -2.82
N PRO B 132 -12.06 -28.70 -3.59
CA PRO B 132 -11.88 -28.21 -4.97
C PRO B 132 -11.61 -26.71 -5.03
N GLU B 133 -11.66 -26.03 -3.90
CA GLU B 133 -11.34 -24.61 -3.85
C GLU B 133 -9.85 -24.40 -4.16
N LEU B 134 -9.58 -23.52 -5.12
CA LEU B 134 -8.22 -23.24 -5.55
C LEU B 134 -7.48 -22.32 -4.58
N PRO B 135 -6.14 -22.34 -4.61
CA PRO B 135 -5.41 -21.42 -3.72
C PRO B 135 -5.67 -19.96 -4.08
N LYS B 136 -5.63 -19.09 -3.08
CA LYS B 136 -5.69 -17.65 -3.33
C LYS B 136 -4.33 -17.03 -3.02
N CYS B 137 -3.71 -16.44 -4.04
CA CYS B 137 -2.41 -15.80 -3.86
C CYS B 137 -2.55 -14.29 -3.69
N VAL B 138 -2.26 -13.81 -2.47
CA VAL B 138 -2.45 -12.40 -2.13
C VAL B 138 -1.13 -11.77 -1.70
N PRO B 139 -1.02 -10.43 -1.81
CA PRO B 139 0.22 -9.73 -1.45
C PRO B 139 0.71 -10.00 -0.03
N VAL B 140 2.01 -10.15 0.12
CA VAL B 140 2.67 -10.09 1.42
C VAL B 140 2.75 -8.63 1.83
N CYS B 141 2.27 -8.31 3.03
CA CYS B 141 2.24 -6.91 3.45
C CYS B 141 3.31 -6.60 4.48
N GLY B 142 3.80 -5.36 4.47
CA GLY B 142 4.63 -4.84 5.54
C GLY B 142 6.10 -5.27 5.58
N VAL B 143 6.57 -5.93 4.52
CA VAL B 143 7.96 -6.33 4.47
C VAL B 143 8.76 -5.46 3.50
N PRO B 144 9.66 -4.63 4.03
CA PRO B 144 10.53 -3.83 3.15
C PRO B 144 11.44 -4.77 2.37
N ARG B 145 11.77 -4.44 1.13
CA ARG B 145 12.64 -5.31 0.35
C ARG B 145 14.05 -5.26 0.94
N GLU B 146 14.50 -4.07 1.33
CA GLU B 146 15.74 -3.90 2.10
C GLU B 146 15.50 -2.99 3.30
N PRO B 147 16.15 -3.28 4.42
CA PRO B 147 15.99 -2.48 5.64
C PRO B 147 16.48 -1.05 5.46
N PHE B 148 15.74 -0.09 6.01
CA PHE B 148 16.21 1.28 6.03
C PHE B 148 17.43 1.39 6.95
N GLU B 149 18.51 1.96 6.42
CA GLU B 149 19.73 2.14 7.19
C GLU B 149 19.96 3.62 7.45
N GLU B 150 19.87 4.02 8.71
CA GLU B 150 20.01 5.41 9.11
C GLU B 150 21.45 5.89 8.94
N LYS B 151 21.61 7.15 8.58
CA LYS B 151 22.95 7.74 8.39
C LYS B 151 23.67 7.93 9.72
N GLN B 152 24.85 7.31 9.84
CA GLN B 152 25.66 7.42 11.05
C GLN B 152 26.33 8.79 11.13
N LYS C 18 19.54 35.10 24.65
CA LYS C 18 20.44 34.04 25.11
C LYS C 18 21.70 33.97 24.26
N LYS C 19 22.72 33.30 24.77
CA LYS C 19 24.00 33.17 24.07
C LYS C 19 24.08 31.87 23.27
N LEU C 20 24.80 31.91 22.15
CA LEU C 20 24.94 30.75 21.28
C LEU C 20 25.69 29.62 21.97
N PRO C 21 25.26 28.37 21.73
CA PRO C 21 25.89 27.18 22.30
C PRO C 21 26.98 26.61 21.41
N LYS C 22 27.97 25.95 22.00
CA LYS C 22 29.01 25.28 21.22
C LYS C 22 28.42 24.09 20.49
N CYS C 23 28.88 23.85 19.27
CA CYS C 23 28.30 22.79 18.45
C CYS C 23 29.34 21.77 18.01
N GLN C 24 29.09 20.49 18.30
CA GLN C 24 29.91 19.42 17.77
C GLN C 24 29.31 18.99 16.42
N LYS C 25 27.99 18.85 16.40
CA LYS C 25 27.27 18.55 15.17
C LYS C 25 26.03 19.43 15.11
N GLN C 26 25.24 19.29 14.05
CA GLN C 26 24.02 20.08 13.87
C GLN C 26 23.02 19.81 15.00
N GLU C 27 22.99 18.58 15.48
CA GLU C 27 22.07 18.17 16.54
C GLU C 27 22.25 18.99 17.82
N ASP C 28 23.46 19.48 18.05
CA ASP C 28 23.78 20.19 19.27
C ASP C 28 23.21 21.60 19.31
N CYS C 29 23.03 22.21 18.14
CA CYS C 29 22.53 23.57 18.05
C CYS C 29 21.06 23.64 18.47
N GLY C 30 20.36 22.52 18.28
CA GLY C 30 18.99 22.38 18.77
C GLY C 30 17.95 23.15 18.00
N SER C 31 18.34 23.67 16.84
CA SER C 31 17.42 24.43 16.01
C SER C 31 17.88 24.43 14.56
N TRP C 32 16.92 24.34 13.63
CA TRP C 32 17.27 24.35 12.21
C TRP C 32 17.52 25.76 11.71
N ASP C 33 17.32 26.74 12.58
CA ASP C 33 17.65 28.13 12.28
C ASP C 33 19.14 28.39 12.49
N LEU C 34 19.89 27.35 12.87
CA LEU C 34 21.30 27.47 13.18
C LEU C 34 22.15 26.51 12.34
N LYS C 35 23.45 26.81 12.23
CA LYS C 35 24.37 25.96 11.48
C LYS C 35 25.77 25.99 12.11
N CYS C 36 26.39 24.83 12.22
CA CYS C 36 27.68 24.72 12.91
C CYS C 36 28.87 24.97 11.98
N ASN C 37 30.02 25.32 12.58
CA ASN C 37 31.22 25.64 11.82
C ASN C 37 32.51 25.18 12.51
N ASN C 38 33.64 25.73 12.06
CA ASN C 38 34.93 25.41 12.66
C ASN C 38 35.08 26.05 14.04
N VAL C 39 34.69 27.33 14.13
CA VAL C 39 34.60 28.00 15.43
C VAL C 39 33.34 27.53 16.13
N THR C 40 33.42 26.33 16.71
CA THR C 40 32.26 25.67 17.30
C THR C 40 31.73 26.41 18.52
N CYS C 43 27.65 27.43 18.15
CA CYS C 43 26.83 27.29 16.96
C CYS C 43 26.59 28.67 16.35
N GLU C 44 26.03 28.70 15.13
CA GLU C 44 25.99 29.94 14.36
C GLU C 44 24.63 30.17 13.67
N CYS C 45 24.18 31.43 13.70
CA CYS C 45 22.89 31.81 13.12
C CYS C 45 22.79 31.51 11.63
N ARG C 46 21.92 30.58 11.28
CA ARG C 46 21.64 30.32 9.88
C ARG C 46 20.56 31.29 9.39
N ASN C 47 20.87 31.98 8.30
CA ASN C 47 19.91 32.90 7.72
C ASN C 47 19.53 32.44 6.32
N GLN C 48 19.00 31.22 6.25
CA GLN C 48 18.62 30.59 4.99
C GLN C 48 17.59 31.42 4.24
N VAL C 49 17.59 31.29 2.92
CA VAL C 49 16.60 31.98 2.10
C VAL C 49 15.24 31.45 2.44
N CYS C 50 14.30 32.35 2.72
CA CYS C 50 12.94 31.92 3.05
C CYS C 50 12.13 31.72 1.79
N GLY C 51 11.32 30.66 1.79
CA GLY C 51 10.52 30.28 0.63
C GLY C 51 9.69 31.41 0.07
N ARG C 52 8.94 32.08 0.94
CA ARG C 52 8.12 33.21 0.51
C ARG C 52 8.51 34.48 1.26
N GLY C 53 9.31 34.31 2.32
CA GLY C 53 9.84 35.43 3.08
C GLY C 53 8.79 36.22 3.85
N CYS C 54 9.22 37.31 4.45
CA CYS C 54 8.34 38.19 5.21
C CYS C 54 8.45 39.62 4.71
N PRO C 55 7.38 40.41 4.86
CA PRO C 55 7.40 41.81 4.45
C PRO C 55 8.27 42.66 5.38
N LYS C 56 8.82 43.76 4.86
CA LYS C 56 9.59 44.72 5.65
C LYS C 56 10.58 44.06 6.60
N GLU C 57 10.51 44.45 7.87
CA GLU C 57 11.29 43.81 8.91
C GLU C 57 10.37 43.05 9.87
N ARG C 58 9.54 42.17 9.30
CA ARG C 58 8.51 41.48 10.07
C ARG C 58 8.84 40.02 10.33
N TYR C 59 10.12 39.66 10.32
CA TYR C 59 10.55 38.31 10.66
C TYR C 59 10.58 38.10 12.17
N GLN C 60 10.36 36.86 12.59
CA GLN C 60 10.52 36.49 13.99
C GLN C 60 11.97 36.13 14.25
N ARG C 61 12.35 36.10 15.53
CA ARG C 61 13.68 35.66 15.91
C ARG C 61 13.66 34.86 17.21
N ASP C 62 14.59 33.91 17.33
CA ASP C 62 14.61 33.00 18.46
C ASP C 62 15.35 33.55 19.68
N LYS C 63 15.62 32.67 20.64
CA LYS C 63 16.29 33.03 21.88
C LYS C 63 17.65 33.67 21.65
N TYR C 64 18.26 33.32 20.52
CA TYR C 64 19.58 33.83 20.17
C TYR C 64 19.47 35.02 19.22
N GLY C 65 18.24 35.31 18.79
CA GLY C 65 17.98 36.44 17.93
C GLY C 65 18.25 36.15 16.47
N CYS C 66 18.27 34.86 16.12
CA CYS C 66 18.48 34.46 14.73
C CYS C 66 17.18 34.57 13.95
N ARG C 67 17.28 34.99 12.70
CA ARG C 67 16.09 35.16 11.87
C ARG C 67 15.43 33.83 11.52
N LYS C 68 14.17 33.68 11.90
CA LYS C 68 13.38 32.52 11.51
C LYS C 68 12.78 32.74 10.14
N CYS C 69 12.25 31.68 9.54
CA CYS C 69 11.48 31.83 8.31
C CYS C 69 10.00 31.78 8.66
N LEU C 70 9.59 32.71 9.52
CA LEU C 70 8.23 32.83 10.00
C LEU C 70 7.96 34.28 10.36
N CYS C 71 6.85 34.83 9.88
CA CYS C 71 6.55 36.25 10.05
C CYS C 71 5.91 36.56 11.40
N LYS C 72 6.05 37.79 11.85
CA LYS C 72 5.46 38.25 13.11
C LYS C 72 3.93 38.15 13.08
N GLY C 73 3.37 37.56 14.13
CA GLY C 73 1.93 37.39 14.24
C GLY C 73 1.44 36.05 13.71
N CYS C 74 2.36 35.31 13.10
CA CYS C 74 2.03 34.01 12.53
C CYS C 74 2.48 32.87 13.45
N ASP C 75 1.67 31.83 13.57
CA ASP C 75 2.04 30.71 14.42
C ASP C 75 2.73 29.60 13.64
N GLY C 76 2.56 29.61 12.32
CA GLY C 76 3.24 28.67 11.45
C GLY C 76 2.62 27.29 11.40
N PHE C 77 1.49 27.11 12.06
CA PHE C 77 0.77 25.83 12.01
C PHE C 77 0.16 25.58 10.65
N LYS C 78 0.31 24.38 10.13
CA LYS C 78 -0.27 24.03 8.84
C LYS C 78 -0.33 22.53 8.57
N CYS C 79 -1.19 22.16 7.62
CA CYS C 79 -1.15 20.83 7.05
C CYS C 79 0.17 20.68 6.29
N ARG C 80 0.67 19.45 6.18
CA ARG C 80 1.98 19.25 5.58
C ARG C 80 1.87 18.83 4.12
N LEU C 81 1.02 19.56 3.42
CA LEU C 81 0.77 19.37 2.00
C LEU C 81 1.72 20.23 1.16
N GLY C 82 2.26 19.66 0.10
CA GLY C 82 3.11 20.42 -0.82
C GLY C 82 2.34 21.15 -1.90
N CYS C 83 2.02 22.42 -1.66
CA CYS C 83 1.29 23.25 -2.63
C CYS C 83 2.12 23.56 -3.86
N THR C 84 1.57 23.26 -5.03
CA THR C 84 2.22 23.52 -6.30
C THR C 84 2.63 24.98 -6.45
N TYR C 85 1.73 25.90 -6.09
CA TYR C 85 2.01 27.32 -6.21
C TYR C 85 2.28 27.96 -4.85
N GLY C 86 2.67 27.13 -3.89
CA GLY C 86 2.94 27.61 -2.54
C GLY C 86 1.67 27.82 -1.75
N PHE C 87 1.82 27.99 -0.43
CA PHE C 87 0.69 28.29 0.42
C PHE C 87 0.19 29.70 0.19
N LYS C 88 -1.13 29.87 0.23
CA LYS C 88 -1.71 31.20 0.14
C LYS C 88 -1.32 32.00 1.37
N THR C 89 -0.68 33.15 1.16
CA THR C 89 -0.20 33.96 2.27
C THR C 89 -0.89 35.32 2.32
N ASP C 90 -1.13 35.82 3.52
CA ASP C 90 -1.78 37.12 3.68
C ASP C 90 -0.78 38.27 3.54
N LYS C 91 -1.23 39.48 3.84
CA LYS C 91 -0.39 40.65 3.70
C LYS C 91 0.65 40.74 4.82
N LYS C 92 0.41 39.96 5.89
CA LYS C 92 1.35 39.89 7.00
C LYS C 92 2.50 38.95 6.68
N GLY C 93 2.24 37.99 5.79
CA GLY C 93 3.22 36.97 5.47
C GLY C 93 2.87 35.64 6.11
N CYS C 94 1.69 35.57 6.73
CA CYS C 94 1.20 34.35 7.34
C CYS C 94 0.66 33.39 6.29
N GLU C 95 1.20 32.18 6.25
CA GLU C 95 0.69 31.16 5.35
C GLU C 95 -0.56 30.54 5.94
N ALA C 96 -1.59 30.37 5.12
CA ALA C 96 -2.82 29.69 5.54
C ALA C 96 -2.54 28.27 6.05
N PHE C 97 -3.44 27.76 6.89
CA PHE C 97 -3.24 26.46 7.50
C PHE C 97 -3.23 25.35 6.46
N CYS C 98 -4.16 25.42 5.53
CA CYS C 98 -4.23 24.40 4.48
C CYS C 98 -4.99 24.92 3.26
N THR C 99 -4.50 26.03 2.71
CA THR C 99 -5.04 26.59 1.48
C THR C 99 -3.91 26.83 0.52
N CYS C 100 -4.04 26.32 -0.70
CA CYS C 100 -2.99 26.50 -1.70
C CYS C 100 -3.27 27.72 -2.53
N ASN C 101 -2.21 28.34 -3.05
CA ASN C 101 -2.35 29.38 -4.05
C ASN C 101 -2.90 28.82 -5.35
N THR C 102 -3.55 29.66 -6.13
CA THR C 102 -3.82 29.32 -7.53
C THR C 102 -2.63 29.82 -8.34
N LYS C 103 -2.60 29.50 -9.63
CA LYS C 103 -1.54 29.97 -10.52
C LYS C 103 -1.46 31.50 -10.52
N GLU C 104 -2.54 32.14 -10.07
CA GLU C 104 -2.67 33.60 -10.13
C GLU C 104 -2.16 34.28 -8.87
N THR C 105 -2.33 33.63 -7.72
CA THR C 105 -1.90 34.20 -6.45
C THR C 105 -0.57 33.59 -6.00
N ALA C 106 0.06 32.86 -6.92
CA ALA C 106 1.33 32.21 -6.66
C ALA C 106 2.40 33.21 -6.25
N CYS C 107 2.37 34.38 -6.89
CA CYS C 107 3.35 35.43 -6.62
C CYS C 107 2.71 36.62 -5.89
N VAL C 108 1.52 36.38 -5.33
CA VAL C 108 0.86 37.40 -4.52
C VAL C 108 1.24 37.21 -3.05
N ASN C 109 1.69 38.30 -2.41
CA ASN C 109 2.20 38.26 -1.05
C ASN C 109 3.42 37.36 -0.93
N ILE C 110 4.51 37.81 -1.53
CA ILE C 110 5.78 37.09 -1.46
C ILE C 110 6.90 38.13 -1.46
N TRP C 111 8.02 37.80 -0.83
CA TRP C 111 9.09 38.80 -0.66
C TRP C 111 10.45 38.21 -0.99
N CYS C 112 10.84 38.35 -2.26
CA CYS C 112 12.09 37.81 -2.77
C CYS C 112 13.11 38.91 -3.01
N THR C 113 14.34 38.68 -2.59
CA THR C 113 15.41 39.65 -2.82
C THR C 113 16.42 39.07 -3.81
N ASP C 114 16.94 39.93 -4.69
CA ASP C 114 17.88 39.53 -5.72
C ASP C 114 19.08 38.76 -5.14
N PRO C 115 19.54 37.71 -5.85
CA PRO C 115 19.06 37.26 -7.16
C PRO C 115 17.84 36.33 -7.11
N TYR C 116 17.18 36.24 -5.96
CA TYR C 116 15.99 35.42 -5.88
C TYR C 116 14.77 36.20 -6.34
N LYS C 117 14.07 35.65 -7.32
CA LYS C 117 12.83 36.23 -7.81
C LYS C 117 11.71 35.21 -7.68
N CYS C 118 10.48 35.67 -7.50
CA CYS C 118 9.36 34.77 -7.39
C CYS C 118 9.16 33.98 -8.68
N ASN C 119 9.18 32.66 -8.55
CA ASN C 119 8.89 31.78 -9.68
C ASN C 119 7.40 31.55 -9.77
N PRO C 120 6.77 32.08 -10.83
CA PRO C 120 5.32 31.98 -11.01
C PRO C 120 4.83 30.55 -11.15
N GLU C 121 5.73 29.60 -11.42
CA GLU C 121 5.33 28.22 -11.58
C GLU C 121 5.38 27.42 -10.26
N SER C 122 5.99 27.99 -9.23
CA SER C 122 6.09 27.29 -7.95
C SER C 122 5.65 28.13 -6.77
N GLY C 123 5.49 29.43 -6.99
CA GLY C 123 5.13 30.34 -5.92
C GLY C 123 6.21 30.37 -4.85
N ARG C 124 7.46 30.40 -5.29
CA ARG C 124 8.59 30.32 -4.38
C ARG C 124 9.73 31.24 -4.80
N CYS C 125 10.38 31.88 -3.84
CA CYS C 125 11.55 32.70 -4.15
C CYS C 125 12.67 31.82 -4.68
N GLU C 126 13.11 32.09 -5.90
CA GLU C 126 14.14 31.27 -6.53
C GLU C 126 15.15 32.11 -7.30
N ASP C 127 16.39 31.64 -7.33
CA ASP C 127 17.42 32.21 -8.19
C ASP C 127 17.48 31.40 -9.47
N PRO C 128 17.21 32.03 -10.61
CA PRO C 128 17.25 31.37 -11.93
C PRO C 128 18.64 30.85 -12.27
N ASN C 129 19.68 31.57 -11.86
CA ASN C 129 21.05 31.17 -12.15
C ASN C 129 21.46 29.93 -11.36
N GLU C 130 20.76 29.67 -10.26
CA GLU C 130 21.08 28.54 -9.37
C GLU C 130 20.96 27.21 -10.09
N GLU C 131 21.94 26.34 -9.89
CA GLU C 131 21.97 25.03 -10.51
C GLU C 131 21.87 23.92 -9.47
N TYS C 132 20.85 23.07 -9.62
CA TYS C 132 20.64 22.00 -8.67
CB TYS C 132 19.15 21.80 -8.38
CG TYS C 132 18.29 20.75 -9.10
CD1 TYS C 132 18.64 20.01 -10.26
CD2 TYS C 132 17.05 20.55 -8.52
CE1 TYS C 132 17.73 19.10 -10.79
CE2 TYS C 132 16.14 19.63 -9.05
CZ TYS C 132 16.44 18.91 -10.18
OH TYS C 132 15.53 18.01 -10.68
S TYS C 132 14.23 18.49 -11.13
O1 TYS C 132 13.38 17.37 -11.57
O2 TYS C 132 14.38 19.46 -12.23
O3 TYS C 132 13.48 19.32 -10.13
C TYS C 132 21.44 20.81 -9.05
O TYS C 132 21.70 20.59 -10.22
N GLU C 133 21.85 20.03 -8.05
CA GLU C 133 22.78 18.94 -8.28
C GLU C 133 22.15 17.77 -9.05
N TYS C 134 20.88 17.48 -8.78
CA TYS C 134 20.20 16.38 -9.41
CB TYS C 134 18.80 16.17 -8.83
CG TYS C 134 18.82 16.17 -7.30
CD1 TYS C 134 19.25 15.01 -6.58
CD2 TYS C 134 18.38 17.29 -6.61
CE1 TYS C 134 19.24 15.04 -5.20
CE2 TYS C 134 18.39 17.31 -5.20
CZ TYS C 134 18.81 16.20 -4.50
OH TYS C 134 18.80 16.22 -3.13
S TYS C 134 17.57 15.88 -2.45
O1 TYS C 134 17.77 15.91 -0.99
O2 TYS C 134 17.06 14.56 -2.88
O3 TYS C 134 16.43 16.77 -2.87
C TYS C 134 20.07 16.59 -10.87
O TYS C 134 19.35 15.87 -11.52
C1 NAG D . -15.23 -34.34 -5.20
C2 NAG D . -16.23 -33.20 -4.79
C3 NAG D . -15.57 -32.24 -3.77
C4 NAG D . -15.10 -33.11 -2.56
C5 NAG D . -14.10 -34.16 -3.13
C6 NAG D . -13.60 -34.98 -1.92
C7 NAG D . -18.00 -32.27 -6.19
C8 NAG D . -18.94 -32.77 -5.12
N2 NAG D . -16.64 -32.51 -5.98
O3 NAG D . -16.59 -31.35 -3.40
O4 NAG D . -14.41 -32.23 -1.69
O5 NAG D . -14.74 -35.03 -4.05
O6 NAG D . -12.66 -34.19 -1.24
O7 NAG D . -18.39 -31.68 -7.18
C1 NAG D . -15.26 -31.73 -0.64
C2 NAG D . -14.44 -31.51 0.68
C3 NAG D . -15.43 -31.12 1.80
C4 NAG D . -16.09 -29.79 1.32
C5 NAG D . -16.80 -30.04 -0.05
C6 NAG D . -17.30 -28.65 -0.51
C7 NAG D . -12.38 -32.66 1.44
C8 NAG D . -11.82 -31.29 1.70
N2 NAG D . -13.68 -32.73 0.94
O3 NAG D . -14.71 -30.91 2.97
O4 NAG D . -17.03 -29.47 2.31
O5 NAG D . -15.90 -30.50 -1.01
O6 NAG D . -17.53 -28.70 -1.87
O7 NAG D . -11.73 -33.67 1.66
#